data_9F5M
#
_entry.id   9F5M
#
_cell.length_a   76.130
_cell.length_b   43.334
_cell.length_c   98.982
_cell.angle_alpha   90.000
_cell.angle_beta   94.084
_cell.angle_gamma   90.000
#
_symmetry.space_group_name_H-M   'P 1 21 1'
#
loop_
_entity.id
_entity.type
_entity.pdbx_description
1 polymer 'GP-PDE domain-containing protein'
2 non-polymer '2-(N-MORPHOLINO)-ETHANESULFONIC ACID'
3 non-polymer GLYCEROL
4 water water
#
_entity_poly.entity_id   1
_entity_poly.type   'polypeptide(L)'
_entity_poly.pdbx_seq_one_letter_code
;KDFMLIGHRGATGYTDEHTIKGYQMALDKGADYIELDLQLTKDNKLLCMHDSTIDRTTTGTGKVGDMTLSYIQTNFTSLN
GEPIPSLDDVLNHFGTKVKYYIETKRPFDANMDRELLTQLKAKGLIGIGSERFQVIIQSFARESLINIHNQFSNIPLAYL
TSTFSESEMDDCLSYGFYAIAPKYTTITKELVDLAHSKGLKVHAWTVNTKEEMQSLIQMGVDGFFTNYLDEYKKI
;
_entity_poly.pdbx_strand_id   AAA,BBB
#
# COMPACT_ATOMS: atom_id res chain seq x y z
N ASP A 2 -12.90 5.51 -9.62
CA ASP A 2 -11.53 4.91 -9.51
C ASP A 2 -11.58 3.63 -8.68
N PHE A 3 -12.39 3.55 -7.60
CA PHE A 3 -12.52 2.31 -6.79
C PHE A 3 -13.95 2.09 -6.29
N MET A 4 -14.42 0.85 -6.42
CA MET A 4 -15.82 0.46 -6.09
C MET A 4 -15.83 -0.41 -4.83
N LEU A 5 -16.20 0.16 -3.69
CA LEU A 5 -16.26 -0.58 -2.41
C LEU A 5 -17.69 -1.11 -2.23
N ILE A 6 -17.85 -2.44 -2.20
CA ILE A 6 -19.20 -3.06 -2.24
C ILE A 6 -19.51 -3.70 -0.87
N GLY A 7 -20.57 -3.25 -0.24
CA GLY A 7 -21.10 -3.82 1.02
C GLY A 7 -21.80 -5.14 0.75
N HIS A 8 -21.09 -6.24 0.98
CA HIS A 8 -21.53 -7.63 0.72
C HIS A 8 -22.69 -7.97 1.67
N ARG A 9 -23.87 -8.18 1.10
CA ARG A 9 -25.16 -8.40 1.82
C ARG A 9 -25.40 -7.30 2.86
N GLY A 10 -24.92 -6.08 2.58
CA GLY A 10 -24.97 -4.95 3.52
C GLY A 10 -23.67 -4.85 4.30
N ALA A 11 -23.75 -4.96 5.64
CA ALA A 11 -22.60 -4.81 6.55
C ALA A 11 -22.49 -6.07 7.40
N THR A 12 -22.32 -7.21 6.74
CA THR A 12 -22.40 -8.58 7.29
C THR A 12 -21.42 -8.78 8.45
N GLY A 13 -20.25 -8.14 8.43
CA GLY A 13 -19.25 -8.32 9.49
C GLY A 13 -19.71 -7.71 10.81
N TYR A 14 -20.68 -6.79 10.78
CA TYR A 14 -21.05 -5.96 11.95
C TYR A 14 -22.49 -6.20 12.39
N THR A 15 -23.35 -6.82 11.56
CA THR A 15 -24.80 -6.99 11.82
C THR A 15 -25.34 -8.08 10.89
N ASP A 16 -26.59 -8.49 11.07
CA ASP A 16 -27.20 -9.56 10.25
C ASP A 16 -27.18 -9.15 8.77
N GLU A 17 -26.96 -10.13 7.90
CA GLU A 17 -26.99 -9.89 6.42
C GLU A 17 -28.40 -9.51 5.96
N HIS A 18 -28.49 -8.75 4.88
CA HIS A 18 -29.76 -8.54 4.14
C HIS A 18 -30.86 -8.04 5.09
N THR A 19 -30.59 -6.96 5.82
CA THR A 19 -31.60 -6.20 6.58
C THR A 19 -31.45 -4.74 6.18
N ILE A 20 -32.53 -3.98 6.26
CA ILE A 20 -32.47 -2.53 5.92
C ILE A 20 -31.50 -1.83 6.88
N LYS A 21 -31.50 -2.16 8.18
CA LYS A 21 -30.49 -1.62 9.13
C LYS A 21 -29.06 -1.91 8.63
N GLY A 22 -28.79 -3.11 8.12
CA GLY A 22 -27.44 -3.49 7.64
C GLY A 22 -27.06 -2.76 6.37
N TYR A 23 -28.02 -2.57 5.48
CA TYR A 23 -27.81 -1.80 4.23
C TYR A 23 -27.44 -0.35 4.61
N GLN A 24 -28.18 0.25 5.54
CA GLN A 24 -27.90 1.64 6.02
C GLN A 24 -26.52 1.69 6.68
N MET A 25 -26.17 0.70 7.50
CA MET A 25 -24.84 0.64 8.15
C MET A 25 -23.73 0.58 7.09
N ALA A 26 -23.95 -0.13 5.97
CA ALA A 26 -22.93 -0.24 4.90
C ALA A 26 -22.69 1.16 4.31
N LEU A 27 -23.77 1.88 4.03
CA LEU A 27 -23.73 3.27 3.48
C LEU A 27 -23.00 4.16 4.48
N ASP A 28 -23.32 4.04 5.77
CA ASP A 28 -22.70 4.86 6.85
C ASP A 28 -21.21 4.58 6.95
N LYS A 29 -20.76 3.35 6.64
CA LYS A 29 -19.35 2.92 6.79
C LYS A 29 -18.59 3.08 5.46
N GLY A 30 -19.19 3.72 4.44
CA GLY A 30 -18.48 4.18 3.23
C GLY A 30 -18.71 3.34 1.99
N ALA A 31 -19.65 2.38 2.01
CA ALA A 31 -19.93 1.54 0.83
C ALA A 31 -20.43 2.41 -0.34
N ASP A 32 -19.89 2.18 -1.53
CA ASP A 32 -20.40 2.80 -2.78
C ASP A 32 -21.68 2.08 -3.22
N TYR A 33 -21.74 0.77 -3.02
CA TYR A 33 -22.88 -0.08 -3.45
C TYR A 33 -23.31 -0.93 -2.26
N ILE A 34 -24.60 -1.20 -2.17
CA ILE A 34 -25.16 -2.28 -1.31
C ILE A 34 -25.44 -3.49 -2.23
N GLU A 35 -25.01 -4.67 -1.81
CA GLU A 35 -25.16 -5.93 -2.59
C GLU A 35 -26.42 -6.66 -2.12
N LEU A 36 -27.30 -7.00 -3.05
CA LEU A 36 -28.57 -7.72 -2.80
C LEU A 36 -28.49 -9.11 -3.41
N ASP A 37 -28.89 -10.13 -2.62
CA ASP A 37 -29.20 -11.51 -3.10
C ASP A 37 -30.72 -11.66 -3.02
N LEU A 38 -31.32 -12.34 -3.99
CA LEU A 38 -32.81 -12.41 -4.12
C LEU A 38 -33.27 -13.86 -4.22
N GLN A 39 -34.44 -14.12 -3.62
CA GLN A 39 -35.16 -15.41 -3.80
C GLN A 39 -36.63 -15.13 -4.09
N LEU A 40 -37.24 -15.94 -4.95
CA LEU A 40 -38.68 -15.80 -5.31
C LEU A 40 -39.54 -16.50 -4.27
N THR A 41 -40.58 -15.83 -3.78
CA THR A 41 -41.59 -16.41 -2.87
C THR A 41 -42.56 -17.28 -3.69
N LYS A 42 -43.42 -18.03 -3.00
CA LYS A 42 -44.50 -18.84 -3.63
C LYS A 42 -45.36 -17.95 -4.54
N ASP A 43 -45.61 -16.69 -4.15
CA ASP A 43 -46.50 -15.75 -4.88
C ASP A 43 -45.66 -14.83 -5.78
N ASN A 44 -44.45 -15.26 -6.12
CA ASN A 44 -43.62 -14.64 -7.19
C ASN A 44 -43.17 -13.22 -6.80
N LYS A 45 -42.85 -13.00 -5.53
CA LYS A 45 -42.28 -11.70 -5.05
C LYS A 45 -40.81 -11.92 -4.69
N LEU A 46 -39.97 -10.91 -4.87
CA LEU A 46 -38.52 -11.03 -4.56
C LEU A 46 -38.24 -10.67 -3.10
N LEU A 47 -37.61 -11.59 -2.38
CA LEU A 47 -37.15 -11.44 -0.98
C LEU A 47 -35.64 -11.26 -0.96
N CYS A 48 -35.11 -10.38 -0.12
CA CYS A 48 -33.65 -10.27 0.12
C CYS A 48 -33.22 -11.44 0.99
N MET A 49 -32.48 -12.38 0.42
CA MET A 49 -32.12 -13.66 1.08
C MET A 49 -31.03 -14.33 0.25
N HIS A 50 -29.92 -14.75 0.85
CA HIS A 50 -28.83 -15.43 0.10
C HIS A 50 -29.22 -16.88 -0.23
N ASP A 51 -29.54 -17.66 0.78
CA ASP A 51 -29.82 -19.11 0.62
C ASP A 51 -31.23 -19.31 0.04
N SER A 52 -31.47 -20.49 -0.55
CA SER A 52 -32.80 -20.91 -1.08
CA SER A 52 -32.80 -20.89 -1.09
C SER A 52 -33.78 -21.11 0.08
N THR A 53 -33.25 -21.32 1.28
CA THR A 53 -34.04 -21.58 2.50
C THR A 53 -33.77 -20.49 3.55
N ILE A 54 -34.69 -20.33 4.50
CA ILE A 54 -34.60 -19.22 5.50
C ILE A 54 -33.98 -19.70 6.82
N ASP A 55 -33.59 -20.98 6.92
CA ASP A 55 -33.16 -21.64 8.18
C ASP A 55 -31.93 -20.98 8.79
N ARG A 56 -30.96 -20.57 7.96
CA ARG A 56 -29.64 -20.12 8.47
C ARG A 56 -29.75 -18.72 9.09
N THR A 57 -30.61 -17.85 8.58
CA THR A 57 -30.53 -16.40 8.90
C THR A 57 -31.81 -15.89 9.56
N THR A 58 -32.85 -16.72 9.74
CA THR A 58 -34.15 -16.26 10.26
C THR A 58 -34.63 -17.19 11.37
N THR A 59 -35.73 -16.79 12.00
CA THR A 59 -36.42 -17.55 13.07
C THR A 59 -37.39 -18.59 12.47
N GLY A 60 -37.41 -18.72 11.13
CA GLY A 60 -38.26 -19.67 10.41
C GLY A 60 -37.45 -20.74 9.71
N THR A 61 -38.15 -21.64 9.03
CA THR A 61 -37.53 -22.73 8.24
C THR A 61 -38.25 -22.83 6.88
N GLY A 62 -37.57 -23.43 5.92
CA GLY A 62 -38.16 -23.84 4.64
C GLY A 62 -37.66 -23.04 3.46
N LYS A 63 -37.97 -23.54 2.27
CA LYS A 63 -37.65 -22.86 1.00
C LYS A 63 -38.46 -21.57 0.91
N VAL A 64 -37.82 -20.50 0.46
CA VAL A 64 -38.53 -19.23 0.18
C VAL A 64 -39.66 -19.50 -0.83
N GLY A 65 -39.42 -20.38 -1.81
CA GLY A 65 -40.39 -20.65 -2.89
C GLY A 65 -41.63 -21.37 -2.39
N ASP A 66 -41.64 -21.87 -1.15
CA ASP A 66 -42.78 -22.65 -0.57
C ASP A 66 -43.65 -21.77 0.31
N MET A 67 -43.31 -20.49 0.48
CA MET A 67 -44.07 -19.58 1.37
C MET A 67 -44.38 -18.29 0.64
N THR A 68 -45.54 -17.69 0.91
CA THR A 68 -45.87 -16.33 0.42
C THR A 68 -44.99 -15.30 1.16
N LEU A 69 -44.80 -14.15 0.54
CA LEU A 69 -44.06 -13.01 1.16
C LEU A 69 -44.75 -12.65 2.49
N SER A 70 -46.08 -12.55 2.51
CA SER A 70 -46.85 -12.22 3.74
C SER A 70 -46.58 -13.24 4.85
N TYR A 71 -46.61 -14.53 4.53
CA TYR A 71 -46.36 -15.59 5.53
C TYR A 71 -44.97 -15.37 6.16
N ILE A 72 -43.96 -15.11 5.33
CA ILE A 72 -42.57 -14.95 5.85
C ILE A 72 -42.50 -13.70 6.73
N GLN A 73 -43.04 -12.58 6.27
CA GLN A 73 -42.83 -11.26 6.94
C GLN A 73 -43.70 -11.19 8.20
N THR A 74 -44.82 -11.94 8.27
CA THR A 74 -45.72 -11.89 9.45
CA THR A 74 -45.74 -11.92 9.43
C THR A 74 -45.21 -12.83 10.54
N ASN A 75 -44.59 -13.96 10.17
CA ASN A 75 -44.26 -15.04 11.15
C ASN A 75 -42.81 -14.97 11.60
N PHE A 76 -41.87 -14.49 10.78
CA PHE A 76 -40.42 -14.66 11.06
C PHE A 76 -39.70 -13.31 11.03
N THR A 77 -38.53 -13.28 11.64
CA THR A 77 -37.59 -12.14 11.62
C THR A 77 -36.20 -12.67 11.29
N SER A 78 -35.26 -11.77 11.01
CA SER A 78 -33.83 -12.08 11.05
C SER A 78 -33.48 -12.53 12.46
N LEU A 79 -32.39 -13.28 12.64
CA LEU A 79 -32.00 -13.81 13.97
C LEU A 79 -31.79 -12.68 14.99
N ASN A 80 -31.44 -11.46 14.56
CA ASN A 80 -31.25 -10.30 15.47
C ASN A 80 -32.56 -9.54 15.75
N GLY A 81 -33.70 -10.01 15.23
CA GLY A 81 -35.02 -9.40 15.46
C GLY A 81 -35.46 -8.42 14.36
N GLU A 82 -34.56 -8.04 13.47
CA GLU A 82 -34.89 -7.11 12.35
C GLU A 82 -35.85 -7.77 11.36
N PRO A 83 -36.74 -7.02 10.70
CA PRO A 83 -37.57 -7.59 9.65
C PRO A 83 -36.75 -8.18 8.48
N ILE A 84 -37.32 -9.18 7.82
CA ILE A 84 -36.76 -9.76 6.56
C ILE A 84 -37.33 -8.93 5.42
N PRO A 85 -36.51 -8.10 4.73
CA PRO A 85 -37.04 -7.20 3.72
C PRO A 85 -37.24 -7.86 2.35
N SER A 86 -38.28 -7.40 1.64
CA SER A 86 -38.50 -7.66 0.21
C SER A 86 -37.64 -6.68 -0.62
N LEU A 87 -37.41 -6.98 -1.90
CA LEU A 87 -36.73 -6.01 -2.80
C LEU A 87 -37.52 -4.70 -2.80
N ASP A 88 -38.85 -4.79 -2.87
CA ASP A 88 -39.76 -3.62 -2.89
C ASP A 88 -39.53 -2.78 -1.62
N ASP A 89 -39.44 -3.41 -0.45
CA ASP A 89 -39.14 -2.73 0.82
C ASP A 89 -37.84 -1.91 0.65
N VAL A 90 -36.79 -2.50 0.10
CA VAL A 90 -35.45 -1.85 -0.01
C VAL A 90 -35.52 -0.68 -1.01
N LEU A 91 -36.11 -0.90 -2.18
CA LEU A 91 -36.17 0.14 -3.24
C LEU A 91 -37.03 1.32 -2.78
N ASN A 92 -38.13 1.04 -2.09
CA ASN A 92 -39.04 2.09 -1.52
C ASN A 92 -38.32 2.90 -0.44
N HIS A 93 -37.46 2.27 0.35
CA HIS A 93 -36.76 2.90 1.51
C HIS A 93 -35.62 3.81 1.03
N PHE A 94 -34.76 3.34 0.13
CA PHE A 94 -33.52 4.06 -0.29
C PHE A 94 -33.71 4.83 -1.60
N GLY A 95 -34.64 4.42 -2.46
CA GLY A 95 -34.86 5.00 -3.81
C GLY A 95 -33.57 5.20 -4.59
N THR A 96 -33.42 6.38 -5.20
CA THR A 96 -32.31 6.74 -6.11
C THR A 96 -31.14 7.33 -5.32
N LYS A 97 -31.17 7.28 -3.98
CA LYS A 97 -30.13 7.88 -3.11
C LYS A 97 -28.93 6.93 -2.97
N VAL A 98 -29.12 5.63 -3.27
CA VAL A 98 -28.03 4.62 -3.10
C VAL A 98 -27.87 3.84 -4.41
N LYS A 99 -26.74 3.14 -4.57
CA LYS A 99 -26.44 2.30 -5.75
C LYS A 99 -26.52 0.84 -5.34
N TYR A 100 -27.04 0.01 -6.24
CA TYR A 100 -27.41 -1.39 -5.96
C TYR A 100 -26.55 -2.33 -6.82
N TYR A 101 -26.01 -3.38 -6.22
CA TYR A 101 -25.23 -4.42 -6.93
C TYR A 101 -26.00 -5.72 -6.73
N ILE A 102 -26.77 -6.17 -7.73
CA ILE A 102 -27.86 -7.17 -7.49
C ILE A 102 -27.48 -8.47 -8.21
N GLU A 103 -27.52 -9.58 -7.48
CA GLU A 103 -27.21 -10.93 -8.05
C GLU A 103 -28.49 -11.59 -8.58
N THR A 104 -28.43 -12.14 -9.80
CA THR A 104 -29.50 -13.03 -10.32
C THR A 104 -29.05 -14.49 -10.18
N LYS A 105 -30.04 -15.37 -10.13
CA LYS A 105 -29.87 -16.81 -9.82
C LYS A 105 -29.08 -17.57 -10.89
N ARG A 106 -28.26 -18.53 -10.43
CA ARG A 106 -27.65 -19.61 -11.23
C ARG A 106 -28.21 -20.92 -10.66
N PRO A 107 -28.79 -21.84 -11.47
CA PRO A 107 -28.94 -21.65 -12.91
C PRO A 107 -29.96 -20.56 -13.26
N PHE A 108 -29.88 -20.06 -14.50
CA PHE A 108 -30.75 -18.99 -15.04
C PHE A 108 -32.22 -19.30 -14.73
N ASP A 109 -32.93 -18.34 -14.14
CA ASP A 109 -34.38 -18.42 -13.84
C ASP A 109 -35.06 -17.24 -14.53
N ALA A 110 -35.70 -17.47 -15.67
CA ALA A 110 -36.40 -16.44 -16.47
C ALA A 110 -37.40 -15.67 -15.60
N ASN A 111 -38.10 -16.35 -14.68
CA ASN A 111 -39.10 -15.72 -13.77
C ASN A 111 -38.45 -14.70 -12.84
N MET A 112 -37.30 -15.04 -12.23
CA MET A 112 -36.59 -14.12 -11.32
CA MET A 112 -36.57 -14.12 -11.31
C MET A 112 -36.17 -12.86 -12.09
N ASP A 113 -35.54 -13.06 -13.25
CA ASP A 113 -35.00 -11.94 -14.07
C ASP A 113 -36.16 -11.02 -14.47
N ARG A 114 -37.30 -11.58 -14.89
CA ARG A 114 -38.46 -10.78 -15.32
C ARG A 114 -38.99 -9.92 -14.15
N GLU A 115 -39.16 -10.52 -12.97
CA GLU A 115 -39.70 -9.83 -11.77
C GLU A 115 -38.71 -8.73 -11.35
N LEU A 116 -37.41 -9.01 -11.40
CA LEU A 116 -36.37 -8.01 -11.02
C LEU A 116 -36.43 -6.80 -11.95
N LEU A 117 -36.39 -7.01 -13.27
CA LEU A 117 -36.38 -5.89 -14.25
C LEU A 117 -37.69 -5.10 -14.14
N THR A 118 -38.82 -5.79 -13.94
CA THR A 118 -40.14 -5.14 -13.73
C THR A 118 -40.04 -4.14 -12.57
N GLN A 119 -39.56 -4.58 -11.40
CA GLN A 119 -39.49 -3.70 -10.20
C GLN A 119 -38.48 -2.57 -10.43
N LEU A 120 -37.31 -2.85 -11.01
CA LEU A 120 -36.27 -1.80 -11.23
C LEU A 120 -36.82 -0.73 -12.19
N LYS A 121 -37.50 -1.15 -13.26
CA LYS A 121 -38.06 -0.23 -14.29
C LYS A 121 -39.14 0.65 -13.66
N ALA A 122 -40.00 0.08 -12.80
CA ALA A 122 -41.12 0.79 -12.12
C ALA A 122 -40.56 1.92 -11.22
N LYS A 123 -39.35 1.78 -10.69
CA LYS A 123 -38.73 2.80 -9.81
C LYS A 123 -37.87 3.77 -10.62
N GLY A 124 -37.76 3.58 -11.94
CA GLY A 124 -36.91 4.39 -12.83
C GLY A 124 -35.44 4.20 -12.54
N LEU A 125 -35.04 3.05 -12.00
CA LEU A 125 -33.62 2.77 -11.63
C LEU A 125 -32.88 2.19 -12.85
N ILE A 126 -33.61 1.68 -13.83
CA ILE A 126 -33.09 1.26 -15.17
C ILE A 126 -33.98 1.87 -16.26
N GLY A 127 -33.53 1.77 -17.52
CA GLY A 127 -34.25 2.31 -18.69
C GLY A 127 -34.11 3.83 -18.79
N ILE A 128 -35.01 4.49 -19.51
CA ILE A 128 -34.96 5.95 -19.80
C ILE A 128 -34.90 6.75 -18.49
N GLY A 129 -34.00 7.74 -18.42
CA GLY A 129 -33.90 8.66 -17.27
C GLY A 129 -32.95 8.16 -16.18
N SER A 130 -32.44 6.93 -16.28
CA SER A 130 -31.62 6.28 -15.22
C SER A 130 -30.14 6.63 -15.41
N GLU A 131 -29.35 6.59 -14.33
CA GLU A 131 -27.88 6.74 -14.38
C GLU A 131 -27.27 5.34 -14.58
N ARG A 132 -26.31 5.21 -15.49
CA ARG A 132 -25.77 3.90 -15.91
C ARG A 132 -25.31 3.09 -14.69
N PHE A 133 -24.59 3.69 -13.74
CA PHE A 133 -23.95 2.91 -12.65
C PHE A 133 -24.81 2.89 -11.38
N GLN A 134 -26.09 3.29 -11.45
CA GLN A 134 -27.05 3.21 -10.32
C GLN A 134 -27.29 1.75 -9.92
N VAL A 135 -27.33 0.86 -10.92
CA VAL A 135 -27.57 -0.60 -10.74
C VAL A 135 -26.55 -1.36 -11.57
N ILE A 136 -25.83 -2.28 -10.92
CA ILE A 136 -25.00 -3.30 -11.60
C ILE A 136 -25.66 -4.64 -11.30
N ILE A 137 -25.80 -5.48 -12.30
CA ILE A 137 -26.34 -6.87 -12.11
C ILE A 137 -25.21 -7.88 -12.30
N GLN A 138 -25.10 -8.81 -11.36
CA GLN A 138 -24.05 -9.87 -11.38
C GLN A 138 -24.73 -11.24 -11.42
N SER A 139 -24.08 -12.23 -12.01
CA SER A 139 -24.56 -13.63 -12.00
C SER A 139 -23.39 -14.56 -12.29
N PHE A 140 -23.46 -15.78 -11.77
CA PHE A 140 -22.61 -16.91 -12.19
C PHE A 140 -23.14 -17.48 -13.52
N ALA A 141 -24.39 -17.16 -13.88
CA ALA A 141 -25.09 -17.69 -15.07
C ALA A 141 -24.93 -16.72 -16.25
N ARG A 142 -24.06 -17.06 -17.18
CA ARG A 142 -23.90 -16.33 -18.47
C ARG A 142 -25.27 -16.09 -19.10
N GLU A 143 -26.15 -17.09 -19.09
CA GLU A 143 -27.49 -17.04 -19.74
C GLU A 143 -28.33 -15.93 -19.11
N SER A 144 -28.26 -15.73 -17.80
CA SER A 144 -29.00 -14.65 -17.10
C SER A 144 -28.53 -13.29 -17.60
N LEU A 145 -27.22 -13.10 -17.66
CA LEU A 145 -26.62 -11.79 -18.06
C LEU A 145 -26.93 -11.50 -19.54
N ILE A 146 -26.85 -12.51 -20.42
CA ILE A 146 -27.23 -12.33 -21.85
C ILE A 146 -28.71 -11.91 -21.94
N ASN A 147 -29.59 -12.56 -21.17
CA ASN A 147 -31.05 -12.29 -21.11
C ASN A 147 -31.29 -10.82 -20.73
N ILE A 148 -30.58 -10.29 -19.73
CA ILE A 148 -30.73 -8.88 -19.29
C ILE A 148 -30.17 -7.94 -20.36
N HIS A 149 -29.02 -8.27 -20.96
CA HIS A 149 -28.33 -7.44 -21.98
C HIS A 149 -29.21 -7.29 -23.21
N ASN A 150 -30.04 -8.29 -23.53
CA ASN A 150 -30.99 -8.27 -24.68
C ASN A 150 -32.06 -7.22 -24.42
N GLN A 151 -32.46 -7.03 -23.16
CA GLN A 151 -33.63 -6.19 -22.78
C GLN A 151 -33.20 -4.77 -22.40
N PHE A 152 -32.11 -4.62 -21.65
CA PHE A 152 -31.60 -3.31 -21.16
C PHE A 152 -30.07 -3.27 -21.37
N SER A 153 -29.66 -2.91 -22.57
CA SER A 153 -28.25 -3.00 -23.03
C SER A 153 -27.30 -2.09 -22.22
N ASN A 154 -27.82 -1.07 -21.52
CA ASN A 154 -26.97 -0.09 -20.78
C ASN A 154 -26.72 -0.52 -19.33
N ILE A 155 -27.41 -1.54 -18.79
CA ILE A 155 -27.11 -2.03 -17.41
C ILE A 155 -25.72 -2.66 -17.41
N PRO A 156 -24.76 -2.18 -16.58
CA PRO A 156 -23.46 -2.85 -16.46
C PRO A 156 -23.64 -4.24 -15.85
N LEU A 157 -23.04 -5.25 -16.48
CA LEU A 157 -23.14 -6.67 -16.06
C LEU A 157 -21.78 -7.18 -15.57
N ALA A 158 -21.79 -7.86 -14.44
CA ALA A 158 -20.61 -8.48 -13.79
C ALA A 158 -20.76 -10.00 -13.83
N TYR A 159 -19.78 -10.67 -14.42
CA TYR A 159 -19.74 -12.13 -14.58
C TYR A 159 -18.99 -12.70 -13.38
N LEU A 160 -19.73 -13.33 -12.46
CA LEU A 160 -19.14 -14.00 -11.29
C LEU A 160 -18.45 -15.28 -11.76
N THR A 161 -17.27 -15.54 -11.24
CA THR A 161 -16.49 -16.73 -11.63
C THR A 161 -15.64 -17.21 -10.45
N SER A 162 -15.42 -18.53 -10.38
CA SER A 162 -14.52 -19.15 -9.37
C SER A 162 -13.18 -19.48 -10.02
N THR A 163 -13.01 -19.14 -11.30
CA THR A 163 -11.78 -19.32 -12.10
C THR A 163 -11.56 -18.06 -12.95
N PHE A 164 -10.31 -17.68 -13.14
CA PHE A 164 -9.92 -16.40 -13.79
C PHE A 164 -8.93 -16.73 -14.91
N SER A 165 -9.43 -16.82 -16.14
CA SER A 165 -8.61 -17.12 -17.34
C SER A 165 -9.15 -16.31 -18.53
N GLU A 166 -8.44 -16.38 -19.65
CA GLU A 166 -8.81 -15.62 -20.87
C GLU A 166 -10.17 -16.09 -21.39
N SER A 167 -10.53 -17.37 -21.22
CA SER A 167 -11.84 -17.91 -21.68
CA SER A 167 -11.84 -17.93 -21.66
C SER A 167 -12.98 -17.08 -21.07
N GLU A 168 -12.96 -16.84 -19.77
CA GLU A 168 -14.00 -16.02 -19.08
C GLU A 168 -13.93 -14.58 -19.61
N MET A 169 -12.73 -14.01 -19.77
CA MET A 169 -12.54 -12.63 -20.26
C MET A 169 -13.09 -12.51 -21.67
N ASP A 170 -12.79 -13.48 -22.55
CA ASP A 170 -13.23 -13.46 -23.96
C ASP A 170 -14.78 -13.53 -24.00
N ASP A 171 -15.41 -14.29 -23.09
CA ASP A 171 -16.88 -14.34 -22.96
C ASP A 171 -17.42 -12.97 -22.52
N CYS A 172 -16.76 -12.29 -21.58
CA CYS A 172 -17.14 -10.90 -21.21
C CYS A 172 -17.16 -10.03 -22.46
N LEU A 173 -16.12 -10.12 -23.30
CA LEU A 173 -16.00 -9.28 -24.52
C LEU A 173 -17.11 -9.65 -25.51
N SER A 174 -17.31 -10.95 -25.75
CA SER A 174 -18.32 -11.48 -26.71
C SER A 174 -19.73 -10.99 -26.35
N TYR A 175 -20.10 -11.00 -25.06
CA TYR A 175 -21.50 -10.80 -24.59
C TYR A 175 -21.73 -9.38 -24.04
N GLY A 176 -20.69 -8.54 -24.00
CA GLY A 176 -20.79 -7.14 -23.59
C GLY A 176 -20.93 -7.01 -22.09
N PHE A 177 -20.20 -7.82 -21.32
CA PHE A 177 -20.12 -7.71 -19.84
C PHE A 177 -19.10 -6.63 -19.49
N TYR A 178 -19.43 -5.85 -18.45
CA TYR A 178 -18.65 -4.69 -17.96
C TYR A 178 -17.46 -5.16 -17.12
N ALA A 179 -17.71 -6.14 -16.26
CA ALA A 179 -16.72 -6.59 -15.26
C ALA A 179 -16.66 -8.10 -15.21
N ILE A 180 -15.48 -8.60 -14.90
CA ILE A 180 -15.28 -9.99 -14.41
C ILE A 180 -15.19 -9.91 -12.88
N ALA A 181 -15.87 -10.80 -12.16
CA ALA A 181 -15.92 -10.76 -10.69
C ALA A 181 -15.42 -12.09 -10.17
N PRO A 182 -14.09 -12.29 -10.09
CA PRO A 182 -13.51 -13.56 -9.65
C PRO A 182 -13.30 -13.72 -8.15
N LYS A 183 -13.40 -14.97 -7.68
CA LYS A 183 -12.98 -15.37 -6.32
C LYS A 183 -11.57 -14.81 -6.11
N TYR A 184 -11.33 -14.10 -5.01
CA TYR A 184 -10.11 -13.27 -4.83
C TYR A 184 -8.84 -14.15 -4.83
N THR A 185 -8.95 -15.42 -4.42
CA THR A 185 -7.80 -16.37 -4.37
C THR A 185 -7.31 -16.76 -5.78
N THR A 186 -8.02 -16.37 -6.86
CA THR A 186 -7.64 -16.66 -8.26
C THR A 186 -6.89 -15.48 -8.87
N ILE A 187 -6.83 -14.34 -8.19
CA ILE A 187 -6.40 -13.06 -8.82
C ILE A 187 -4.88 -12.92 -8.70
N THR A 188 -4.24 -12.53 -9.81
CA THR A 188 -2.82 -12.12 -9.89
C THR A 188 -2.75 -10.77 -10.61
N LYS A 189 -1.64 -10.04 -10.41
CA LYS A 189 -1.40 -8.78 -11.16
C LYS A 189 -1.42 -9.08 -12.67
N GLU A 190 -0.85 -10.21 -13.08
CA GLU A 190 -0.77 -10.62 -14.52
C GLU A 190 -2.19 -10.72 -15.09
N LEU A 191 -3.10 -11.36 -14.37
CA LEU A 191 -4.50 -11.55 -14.85
C LEU A 191 -5.27 -10.22 -14.82
N VAL A 192 -5.06 -9.37 -13.81
CA VAL A 192 -5.73 -8.04 -13.75
C VAL A 192 -5.25 -7.17 -14.92
N ASP A 193 -3.94 -7.15 -15.16
CA ASP A 193 -3.36 -6.30 -16.25
C ASP A 193 -3.88 -6.78 -17.60
N LEU A 194 -4.04 -8.10 -17.78
CA LEU A 194 -4.60 -8.66 -19.04
C LEU A 194 -6.06 -8.23 -19.17
N ALA A 195 -6.87 -8.39 -18.12
CA ALA A 195 -8.28 -7.95 -18.13
C ALA A 195 -8.36 -6.47 -18.50
N HIS A 196 -7.51 -5.62 -17.89
CA HIS A 196 -7.49 -4.15 -18.17
C HIS A 196 -7.14 -3.92 -19.64
N SER A 197 -6.21 -4.70 -20.20
CA SER A 197 -5.78 -4.55 -21.62
C SER A 197 -6.96 -4.83 -22.56
N LYS A 198 -7.93 -5.63 -22.12
CA LYS A 198 -9.16 -5.99 -22.89
C LYS A 198 -10.33 -5.05 -22.59
N GLY A 199 -10.15 -4.07 -21.70
CA GLY A 199 -11.17 -3.07 -21.35
C GLY A 199 -12.16 -3.58 -20.31
N LEU A 200 -11.79 -4.60 -19.55
CA LEU A 200 -12.68 -5.17 -18.49
C LEU A 200 -12.30 -4.57 -17.13
N LYS A 201 -13.30 -4.43 -16.25
CA LYS A 201 -13.07 -4.12 -14.81
C LYS A 201 -13.03 -5.44 -14.03
N VAL A 202 -12.33 -5.46 -12.91
CA VAL A 202 -12.16 -6.67 -12.05
C VAL A 202 -12.69 -6.34 -10.65
N HIS A 203 -13.72 -7.07 -10.18
CA HIS A 203 -14.30 -6.88 -8.83
C HIS A 203 -14.11 -8.17 -8.02
N ALA A 204 -13.23 -8.17 -7.03
CA ALA A 204 -12.85 -9.37 -6.24
C ALA A 204 -13.87 -9.61 -5.11
N TRP A 205 -14.15 -10.88 -4.80
CA TRP A 205 -15.03 -11.29 -3.66
C TRP A 205 -14.41 -12.50 -2.96
N THR A 206 -14.66 -12.70 -1.65
CA THR A 206 -15.14 -11.73 -0.68
C THR A 206 -13.94 -11.42 0.23
N VAL A 207 -13.58 -10.15 0.35
CA VAL A 207 -12.26 -9.69 0.86
C VAL A 207 -12.47 -9.07 2.24
N ASN A 208 -12.01 -9.74 3.29
CA ASN A 208 -12.43 -9.39 4.68
C ASN A 208 -11.27 -8.89 5.55
N THR A 209 -10.01 -9.00 5.14
CA THR A 209 -8.87 -8.56 5.99
C THR A 209 -8.14 -7.43 5.30
N LYS A 210 -7.58 -6.51 6.07
CA LYS A 210 -6.90 -5.32 5.51
C LYS A 210 -5.69 -5.77 4.68
N GLU A 211 -5.05 -6.88 5.06
CA GLU A 211 -3.86 -7.44 4.34
C GLU A 211 -4.28 -7.92 2.95
N GLU A 212 -5.41 -8.65 2.85
CA GLU A 212 -5.97 -9.09 1.55
C GLU A 212 -6.32 -7.86 0.70
N MET A 213 -6.96 -6.86 1.29
CA MET A 213 -7.36 -5.62 0.57
C MET A 213 -6.13 -4.94 -0.03
N GLN A 214 -5.06 -4.80 0.76
CA GLN A 214 -3.79 -4.15 0.35
C GLN A 214 -3.20 -4.90 -0.83
N SER A 215 -3.18 -6.23 -0.76
CA SER A 215 -2.62 -7.11 -1.81
C SER A 215 -3.39 -6.91 -3.12
N LEU A 216 -4.72 -6.89 -3.07
CA LEU A 216 -5.55 -6.80 -4.29
C LEU A 216 -5.50 -5.39 -4.88
N ILE A 217 -5.42 -4.35 -4.06
CA ILE A 217 -5.24 -2.97 -4.56
C ILE A 217 -3.88 -2.88 -5.29
N GLN A 218 -2.83 -3.50 -4.75
CA GLN A 218 -1.49 -3.55 -5.39
C GLN A 218 -1.59 -4.27 -6.75
N MET A 219 -2.41 -5.32 -6.85
CA MET A 219 -2.60 -6.07 -8.12
C MET A 219 -3.46 -5.26 -9.11
N GLY A 220 -4.16 -4.22 -8.64
CA GLY A 220 -4.86 -3.25 -9.51
C GLY A 220 -6.35 -3.54 -9.64
N VAL A 221 -6.96 -4.27 -8.72
CA VAL A 221 -8.43 -4.55 -8.84
C VAL A 221 -9.20 -3.22 -8.79
N ASP A 222 -10.37 -3.18 -9.44
CA ASP A 222 -11.20 -1.97 -9.62
C ASP A 222 -12.23 -1.85 -8.50
N GLY A 223 -12.37 -2.89 -7.70
CA GLY A 223 -13.36 -2.92 -6.61
C GLY A 223 -13.32 -4.25 -5.91
N PHE A 224 -13.91 -4.31 -4.70
CA PHE A 224 -14.15 -5.61 -4.06
C PHE A 224 -15.39 -5.56 -3.19
N PHE A 225 -15.92 -6.76 -2.98
CA PHE A 225 -17.01 -7.07 -2.04
C PHE A 225 -16.37 -7.38 -0.70
N THR A 226 -16.82 -6.74 0.37
CA THR A 226 -16.29 -6.97 1.72
C THR A 226 -17.42 -7.07 2.75
N ASN A 227 -17.17 -7.87 3.79
CA ASN A 227 -18.04 -7.92 4.99
C ASN A 227 -17.54 -6.91 6.04
N TYR A 228 -16.33 -6.35 5.87
CA TYR A 228 -15.65 -5.54 6.92
C TYR A 228 -15.24 -4.17 6.37
N LEU A 229 -16.22 -3.30 6.10
CA LEU A 229 -15.97 -1.99 5.42
C LEU A 229 -14.99 -1.14 6.23
N ASP A 230 -14.97 -1.26 7.56
CA ASP A 230 -14.04 -0.44 8.40
C ASP A 230 -12.57 -0.76 8.08
N GLU A 231 -12.24 -1.94 7.55
CA GLU A 231 -10.82 -2.35 7.32
C GLU A 231 -10.23 -1.58 6.14
N TYR A 232 -11.08 -1.10 5.21
CA TYR A 232 -10.64 -0.39 4.01
C TYR A 232 -9.99 0.94 4.42
N LYS A 233 -10.50 1.56 5.50
CA LYS A 233 -9.98 2.88 6.01
C LYS A 233 -8.61 2.72 6.67
N LYS A 234 -8.20 1.50 7.02
CA LYS A 234 -6.95 1.23 7.78
C LYS A 234 -5.77 1.02 6.82
N ILE A 235 -6.03 1.08 5.50
CA ILE A 235 -5.03 0.90 4.41
C ILE A 235 -4.53 2.29 3.98
N ASP B 2 9.42 12.15 -5.65
CA ASP B 2 9.71 12.85 -4.36
C ASP B 2 10.21 11.84 -3.30
N PHE B 3 9.65 10.62 -3.25
CA PHE B 3 10.06 9.56 -2.30
C PHE B 3 11.58 9.34 -2.43
N MET B 4 12.29 9.22 -1.31
CA MET B 4 13.77 9.07 -1.31
CA MET B 4 13.78 9.08 -1.29
C MET B 4 14.14 7.65 -0.87
N LEU B 5 14.60 6.84 -1.81
CA LEU B 5 15.07 5.45 -1.57
C LEU B 5 16.57 5.49 -1.30
N ILE B 6 17.00 5.12 -0.09
CA ILE B 6 18.42 5.27 0.34
C ILE B 6 19.06 3.87 0.45
N GLY B 7 20.13 3.68 -0.31
CA GLY B 7 20.94 2.43 -0.30
C GLY B 7 21.83 2.38 0.93
N HIS B 8 21.36 1.68 1.97
CA HIS B 8 22.01 1.59 3.31
C HIS B 8 23.34 0.87 3.17
N ARG B 9 24.45 1.59 3.32
CA ARG B 9 25.83 1.07 3.18
C ARG B 9 26.03 0.48 1.77
N GLY B 10 25.31 0.99 0.77
CA GLY B 10 25.29 0.46 -0.61
C GLY B 10 24.12 -0.47 -0.83
N ALA B 11 24.40 -1.74 -1.16
CA ALA B 11 23.39 -2.79 -1.45
C ALA B 11 23.64 -3.98 -0.52
N THR B 12 23.56 -3.74 0.78
CA THR B 12 24.07 -4.61 1.86
C THR B 12 23.35 -5.97 1.82
N GLY B 13 22.08 -6.00 1.42
CA GLY B 13 21.31 -7.26 1.40
C GLY B 13 21.81 -8.21 0.33
N TYR B 14 22.56 -7.74 -0.66
CA TYR B 14 22.94 -8.52 -1.87
C TYR B 14 24.46 -8.69 -2.00
N THR B 15 25.26 -7.91 -1.28
CA THR B 15 26.74 -7.93 -1.40
C THR B 15 27.32 -7.25 -0.16
N ASP B 16 28.64 -7.29 -0.01
CA ASP B 16 29.34 -6.71 1.16
C ASP B 16 29.01 -5.21 1.28
N GLU B 17 28.83 -4.76 2.50
CA GLU B 17 28.60 -3.32 2.78
C GLU B 17 29.82 -2.49 2.40
N HIS B 18 29.61 -1.22 2.07
CA HIS B 18 30.69 -0.20 1.95
C HIS B 18 31.79 -0.70 0.99
N THR B 19 31.42 -1.15 -0.20
CA THR B 19 32.38 -1.42 -1.31
C THR B 19 31.94 -0.62 -2.53
N ILE B 20 32.83 -0.26 -3.42
CA ILE B 20 32.39 0.48 -4.64
C ILE B 20 31.42 -0.40 -5.47
N LYS B 21 31.67 -1.70 -5.58
CA LYS B 21 30.74 -2.63 -6.28
C LYS B 21 29.35 -2.57 -5.63
N GLY B 22 29.27 -2.48 -4.30
CA GLY B 22 27.98 -2.43 -3.60
C GLY B 22 27.29 -1.09 -3.82
N TYR B 23 28.05 0.00 -3.86
CA TYR B 23 27.48 1.34 -4.12
C TYR B 23 26.94 1.35 -5.57
N GLN B 24 27.70 0.81 -6.52
CA GLN B 24 27.24 0.70 -7.95
C GLN B 24 25.97 -0.14 -8.02
N MET B 25 25.90 -1.26 -7.30
CA MET B 25 24.71 -2.15 -7.28
C MET B 25 23.49 -1.37 -6.74
N ALA B 26 23.69 -0.49 -5.76
CA ALA B 26 22.59 0.29 -5.16
C ALA B 26 22.02 1.21 -6.24
N LEU B 27 22.89 1.89 -6.98
CA LEU B 27 22.48 2.82 -8.08
C LEU B 27 21.74 2.02 -9.15
N ASP B 28 22.21 0.82 -9.47
CA ASP B 28 21.62 -0.03 -10.56
C ASP B 28 20.23 -0.51 -10.12
N LYS B 29 19.97 -0.64 -8.82
CA LYS B 29 18.71 -1.20 -8.26
C LYS B 29 17.74 -0.07 -7.87
N GLY B 30 18.08 1.17 -8.21
CA GLY B 30 17.15 2.33 -8.16
C GLY B 30 17.34 3.25 -6.96
N ALA B 31 18.38 3.10 -6.15
CA ALA B 31 18.65 4.00 -5.00
C ALA B 31 18.78 5.46 -5.49
N ASP B 32 18.13 6.39 -4.79
CA ASP B 32 18.29 7.85 -5.03
C ASP B 32 19.60 8.34 -4.41
N TYR B 33 19.97 7.76 -3.26
CA TYR B 33 21.19 8.09 -2.49
C TYR B 33 21.94 6.81 -2.14
N ILE B 34 23.28 6.90 -2.13
CA ILE B 34 24.14 5.89 -1.45
C ILE B 34 24.53 6.45 -0.08
N GLU B 35 24.38 5.62 0.96
CA GLU B 35 24.68 5.99 2.37
C GLU B 35 26.11 5.55 2.72
N LEU B 36 26.91 6.50 3.20
CA LEU B 36 28.33 6.30 3.61
C LEU B 36 28.43 6.45 5.12
N ASP B 37 29.16 5.52 5.76
CA ASP B 37 29.64 5.60 7.15
C ASP B 37 31.16 5.75 7.05
N LEU B 38 31.77 6.57 7.91
CA LEU B 38 33.20 6.94 7.81
C LEU B 38 33.91 6.73 9.14
N GLN B 39 35.19 6.35 9.04
CA GLN B 39 36.11 6.23 10.21
C GLN B 39 37.43 6.90 9.84
N LEU B 40 38.05 7.56 10.81
CA LEU B 40 39.35 8.26 10.62
C LEU B 40 40.49 7.27 10.82
N THR B 41 41.39 7.20 9.84
CA THR B 41 42.65 6.43 9.95
C THR B 41 43.64 7.19 10.84
N LYS B 42 44.74 6.52 11.18
CA LYS B 42 45.83 7.07 12.00
C LYS B 42 46.36 8.34 11.35
N ASP B 43 46.44 8.36 10.02
CA ASP B 43 46.98 9.51 9.25
C ASP B 43 45.85 10.45 8.81
N ASN B 44 44.72 10.42 9.53
CA ASN B 44 43.62 11.43 9.43
C ASN B 44 42.98 11.37 8.05
N LYS B 45 42.79 10.17 7.49
CA LYS B 45 42.08 9.98 6.19
C LYS B 45 40.76 9.27 6.47
N LEU B 46 39.74 9.56 5.67
CA LEU B 46 38.39 8.98 5.89
C LEU B 46 38.23 7.69 5.09
N LEU B 47 37.88 6.60 5.80
CA LEU B 47 37.68 5.23 5.28
C LEU B 47 36.19 4.94 5.29
N CYS B 48 35.63 4.33 4.25
CA CYS B 48 34.23 3.86 4.31
C CYS B 48 34.17 2.61 5.19
N MET B 49 33.55 2.71 6.36
CA MET B 49 33.55 1.63 7.37
C MET B 49 32.51 1.98 8.43
N HIS B 50 31.64 1.05 8.81
CA HIS B 50 30.57 1.32 9.80
C HIS B 50 31.16 1.27 11.22
N ASP B 51 31.80 0.17 11.56
CA ASP B 51 32.34 -0.05 12.92
C ASP B 51 33.64 0.74 13.12
N SER B 52 34.01 0.98 14.37
CA SER B 52 35.30 1.62 14.72
CA SER B 52 35.30 1.61 14.76
C SER B 52 36.46 0.68 14.40
N THR B 53 36.17 -0.63 14.32
CA THR B 53 37.17 -1.69 14.03
C THR B 53 36.85 -2.36 12.69
N ILE B 54 37.85 -2.98 12.07
CA ILE B 54 37.71 -3.61 10.72
C ILE B 54 37.40 -5.11 10.86
N ASP B 55 37.27 -5.64 12.07
CA ASP B 55 37.19 -7.11 12.32
C ASP B 55 35.95 -7.73 11.67
N ARG B 56 34.79 -7.05 11.70
CA ARG B 56 33.52 -7.69 11.29
C ARG B 56 33.45 -7.86 9.78
N THR B 57 34.03 -6.93 9.01
CA THR B 57 33.71 -6.82 7.56
C THR B 57 34.94 -7.04 6.68
N THR B 58 36.15 -7.22 7.24
CA THR B 58 37.41 -7.32 6.47
C THR B 58 38.23 -8.53 6.93
N THR B 59 39.30 -8.79 6.18
CA THR B 59 40.29 -9.85 6.46
C THR B 59 41.34 -9.38 7.49
N GLY B 60 41.20 -8.15 8.02
CA GLY B 60 42.11 -7.59 9.02
C GLY B 60 41.45 -7.43 10.38
N THR B 61 42.19 -6.88 11.34
CA THR B 61 41.73 -6.65 12.72
C THR B 61 42.18 -5.28 13.17
N GLY B 62 41.51 -4.73 14.19
CA GLY B 62 41.97 -3.52 14.88
C GLY B 62 41.13 -2.30 14.59
N LYS B 63 41.35 -1.25 15.38
CA LYS B 63 40.68 0.06 15.23
C LYS B 63 41.18 0.72 13.95
N VAL B 64 40.28 1.32 13.18
CA VAL B 64 40.69 2.09 11.97
C VAL B 64 41.70 3.16 12.40
N GLY B 65 41.49 3.77 13.57
CA GLY B 65 42.30 4.89 14.09
C GLY B 65 43.73 4.46 14.43
N ASP B 66 44.03 3.16 14.48
CA ASP B 66 45.37 2.65 14.85
C ASP B 66 46.17 2.25 13.61
N MET B 67 45.62 2.46 12.41
CA MET B 67 46.29 2.04 11.15
C MET B 67 46.24 3.17 10.14
N THR B 68 47.27 3.30 9.32
CA THR B 68 47.26 4.23 8.16
C THR B 68 46.33 3.69 7.07
N LEU B 69 45.81 4.58 6.24
CA LEU B 69 44.99 4.18 5.07
C LEU B 69 45.78 3.18 4.22
N SER B 70 47.05 3.47 3.94
CA SER B 70 47.92 2.61 3.09
CA SER B 70 47.92 2.61 3.09
C SER B 70 48.04 1.21 3.70
N TYR B 71 48.25 1.12 5.01
CA TYR B 71 48.38 -0.18 5.71
C TYR B 71 47.08 -0.98 5.51
N ILE B 72 45.93 -0.36 5.69
CA ILE B 72 44.62 -1.06 5.59
C ILE B 72 44.43 -1.53 4.15
N GLN B 73 44.64 -0.65 3.17
CA GLN B 73 44.28 -0.93 1.76
C GLN B 73 45.29 -1.90 1.14
N THR B 74 46.55 -1.90 1.58
CA THR B 74 47.59 -2.79 0.99
CA THR B 74 47.63 -2.78 1.05
C THR B 74 47.42 -4.22 1.54
N ASN B 75 47.01 -4.37 2.81
CA ASN B 75 47.08 -5.67 3.53
C ASN B 75 45.73 -6.40 3.58
N PHE B 76 44.61 -5.68 3.52
CA PHE B 76 43.30 -6.29 3.79
C PHE B 76 42.32 -6.00 2.65
N THR B 77 41.26 -6.78 2.62
CA THR B 77 40.11 -6.62 1.70
C THR B 77 38.81 -6.77 2.49
N SER B 78 37.69 -6.45 1.87
CA SER B 78 36.38 -6.89 2.37
C SER B 78 36.37 -8.42 2.40
N LEU B 79 35.46 -9.03 3.16
CA LEU B 79 35.40 -10.50 3.26
C LEU B 79 35.16 -11.13 1.87
N ASN B 80 34.45 -10.46 0.96
CA ASN B 80 34.17 -11.02 -0.39
C ASN B 80 35.34 -10.77 -1.37
N GLY B 81 36.44 -10.18 -0.91
CA GLY B 81 37.65 -9.95 -1.73
C GLY B 81 37.72 -8.56 -2.36
N GLU B 82 36.65 -7.78 -2.30
CA GLU B 82 36.62 -6.41 -2.87
C GLU B 82 37.52 -5.47 -2.05
N PRO B 83 38.10 -4.42 -2.66
CA PRO B 83 38.88 -3.46 -1.90
C PRO B 83 38.02 -2.70 -0.87
N ILE B 84 38.68 -2.26 0.20
CA ILE B 84 38.08 -1.38 1.23
C ILE B 84 38.29 0.05 0.75
N PRO B 85 37.21 0.77 0.36
CA PRO B 85 37.37 2.08 -0.24
C PRO B 85 37.52 3.23 0.77
N SER B 86 38.36 4.21 0.43
CA SER B 86 38.41 5.51 1.13
C SER B 86 37.26 6.39 0.63
N LEU B 87 36.91 7.44 1.38
CA LEU B 87 35.96 8.46 0.87
C LEU B 87 36.47 9.01 -0.48
N ASP B 88 37.77 9.31 -0.56
CA ASP B 88 38.42 9.87 -1.78
C ASP B 88 38.17 8.89 -2.94
N ASP B 89 38.36 7.59 -2.72
CA ASP B 89 38.15 6.55 -3.76
C ASP B 89 36.72 6.68 -4.31
N VAL B 90 35.73 6.80 -3.42
CA VAL B 90 34.29 6.84 -3.80
C VAL B 90 33.99 8.13 -4.56
N LEU B 91 34.43 9.29 -4.06
CA LEU B 91 34.04 10.58 -4.64
C LEU B 91 34.67 10.70 -6.03
N ASN B 92 35.88 10.15 -6.20
CA ASN B 92 36.65 10.22 -7.46
C ASN B 92 36.11 9.23 -8.49
N HIS B 93 35.46 8.15 -8.04
CA HIS B 93 34.85 7.10 -8.90
C HIS B 93 33.49 7.56 -9.46
N PHE B 94 32.62 8.14 -8.62
CA PHE B 94 31.20 8.41 -8.97
C PHE B 94 30.98 9.88 -9.40
N GLY B 95 31.73 10.83 -8.83
CA GLY B 95 31.57 12.28 -9.07
C GLY B 95 30.18 12.81 -8.69
N THR B 96 29.58 13.60 -9.59
CA THR B 96 28.34 14.42 -9.37
C THR B 96 27.13 13.75 -10.04
N LYS B 97 27.31 12.56 -10.62
CA LYS B 97 26.19 11.75 -11.18
C LYS B 97 25.40 11.14 -10.02
N VAL B 98 26.03 11.07 -8.84
CA VAL B 98 25.56 10.25 -7.68
C VAL B 98 25.36 11.18 -6.48
N LYS B 99 24.35 10.89 -5.67
CA LYS B 99 24.01 11.67 -4.45
C LYS B 99 24.39 10.84 -3.22
N TYR B 100 24.97 11.51 -2.24
CA TYR B 100 25.55 10.87 -1.03
C TYR B 100 24.77 11.29 0.22
N TYR B 101 24.48 10.31 1.08
CA TYR B 101 23.82 10.47 2.39
C TYR B 101 24.87 10.07 3.43
N ILE B 102 25.60 11.03 4.02
CA ILE B 102 26.86 10.75 4.78
C ILE B 102 26.59 10.89 6.28
N GLU B 103 26.96 9.89 7.08
CA GLU B 103 26.82 9.96 8.56
C GLU B 103 28.07 10.54 9.22
N THR B 104 27.90 11.47 10.15
CA THR B 104 28.99 11.96 11.03
C THR B 104 28.91 11.24 12.37
N LYS B 105 30.04 11.14 13.05
CA LYS B 105 30.23 10.38 14.31
C LYS B 105 29.40 10.96 15.46
N ARG B 106 28.84 10.07 16.28
CA ARG B 106 28.31 10.34 17.64
C ARG B 106 29.20 9.55 18.61
N PRO B 107 29.77 10.17 19.67
CA PRO B 107 29.60 11.59 19.95
C PRO B 107 30.39 12.46 18.96
N PHE B 108 30.04 13.74 18.94
CA PHE B 108 30.64 14.76 18.04
C PHE B 108 32.17 14.67 18.07
N ASP B 109 32.78 14.51 16.90
CA ASP B 109 34.25 14.53 16.71
C ASP B 109 34.58 15.70 15.77
N ALA B 110 35.03 16.83 16.32
CA ALA B 110 35.39 18.05 15.56
C ALA B 110 36.44 17.75 14.47
N ASN B 111 37.46 16.93 14.77
CA ASN B 111 38.52 16.56 13.79
C ASN B 111 37.90 15.85 12.58
N MET B 112 36.98 14.92 12.83
CA MET B 112 36.35 14.10 11.77
CA MET B 112 36.33 14.12 11.78
C MET B 112 35.47 15.01 10.90
N ASP B 113 34.70 15.92 11.51
CA ASP B 113 33.79 16.82 10.77
C ASP B 113 34.65 17.77 9.92
N ARG B 114 35.75 18.28 10.47
CA ARG B 114 36.70 19.17 9.76
C ARG B 114 37.22 18.45 8.50
N GLU B 115 37.68 17.20 8.64
CA GLU B 115 38.26 16.43 7.51
C GLU B 115 37.16 16.19 6.46
N LEU B 116 35.95 15.84 6.89
CA LEU B 116 34.84 15.54 5.96
C LEU B 116 34.50 16.81 5.18
N LEU B 117 34.33 17.95 5.86
CA LEU B 117 33.95 19.21 5.17
C LEU B 117 35.07 19.65 4.22
N THR B 118 36.34 19.50 4.61
CA THR B 118 37.50 19.85 3.75
C THR B 118 37.42 19.04 2.45
N GLN B 119 37.16 17.73 2.57
CA GLN B 119 37.13 16.81 1.42
C GLN B 119 35.94 17.13 0.51
N LEU B 120 34.76 17.33 1.09
CA LEU B 120 33.54 17.64 0.30
C LEU B 120 33.75 18.98 -0.43
N LYS B 121 34.27 19.97 0.27
CA LYS B 121 34.50 21.33 -0.29
C LYS B 121 35.48 21.20 -1.46
N ALA B 122 36.55 20.42 -1.33
CA ALA B 122 37.60 20.31 -2.38
C ALA B 122 37.01 19.69 -3.65
N LYS B 123 36.06 18.76 -3.51
CA LYS B 123 35.38 18.14 -4.67
C LYS B 123 34.31 19.06 -5.25
N GLY B 124 33.96 20.16 -4.57
CA GLY B 124 32.85 21.05 -4.99
C GLY B 124 31.46 20.45 -4.71
N LEU B 125 31.35 19.51 -3.78
CA LEU B 125 30.04 18.91 -3.40
C LEU B 125 29.30 19.75 -2.35
N ILE B 126 29.99 20.66 -1.66
CA ILE B 126 29.39 21.65 -0.73
C ILE B 126 30.04 23.01 -0.99
N GLY B 127 29.40 24.06 -0.48
CA GLY B 127 29.90 25.44 -0.57
C GLY B 127 29.56 26.06 -1.91
N ILE B 128 30.10 27.23 -2.18
CA ILE B 128 29.76 28.03 -3.39
CA ILE B 128 29.80 28.03 -3.40
C ILE B 128 29.95 27.14 -4.64
N GLY B 129 28.98 27.18 -5.55
CA GLY B 129 29.01 26.42 -6.82
C GLY B 129 28.39 25.03 -6.71
N SER B 130 28.19 24.51 -5.49
CA SER B 130 27.63 23.15 -5.30
C SER B 130 26.14 23.15 -5.64
N GLU B 131 25.58 21.95 -5.85
CA GLU B 131 24.14 21.70 -6.08
C GLU B 131 23.52 21.22 -4.77
N ARG B 132 22.55 21.96 -4.23
CA ARG B 132 21.85 21.54 -3.00
C ARG B 132 21.23 20.15 -3.25
N PHE B 133 21.35 19.26 -2.26
CA PHE B 133 20.84 17.87 -2.21
C PHE B 133 21.81 16.88 -2.89
N GLN B 134 22.95 17.32 -3.41
CA GLN B 134 24.01 16.38 -3.88
C GLN B 134 24.52 15.58 -2.67
N VAL B 135 24.54 16.22 -1.51
CA VAL B 135 24.99 15.64 -0.21
C VAL B 135 23.93 15.96 0.85
N ILE B 136 23.48 14.95 1.58
CA ILE B 136 22.73 15.08 2.86
C ILE B 136 23.67 14.56 3.94
N ILE B 137 23.74 15.26 5.08
CA ILE B 137 24.57 14.81 6.22
C ILE B 137 23.62 14.45 7.37
N GLN B 138 23.83 13.29 7.96
CA GLN B 138 23.02 12.78 9.07
C GLN B 138 23.93 12.54 10.27
N SER B 139 23.36 12.61 11.47
CA SER B 139 24.08 12.24 12.70
C SER B 139 23.08 11.97 13.81
N PHE B 140 23.46 11.11 14.75
CA PHE B 140 22.79 11.01 16.07
C PHE B 140 23.20 12.16 16.98
N ALA B 141 24.30 12.88 16.67
CA ALA B 141 24.88 13.96 17.50
C ALA B 141 24.36 15.32 17.01
N ARG B 142 23.44 15.93 17.76
CA ARG B 142 22.92 17.28 17.45
C ARG B 142 24.10 18.23 17.30
N GLU B 143 25.12 18.06 18.15
CA GLU B 143 26.30 18.95 18.22
C GLU B 143 27.05 18.92 16.88
N SER B 144 27.12 17.75 16.24
CA SER B 144 27.80 17.63 14.91
C SER B 144 27.00 18.39 13.85
N LEU B 145 25.68 18.22 13.85
CA LEU B 145 24.80 18.86 12.85
C LEU B 145 24.83 20.38 13.03
N ILE B 146 24.81 20.86 14.27
CA ILE B 146 24.91 22.33 14.56
C ILE B 146 26.26 22.84 14.06
N ASN B 147 27.35 22.13 14.33
CA ASN B 147 28.72 22.48 13.87
C ASN B 147 28.69 22.65 12.35
N ILE B 148 28.05 21.72 11.63
CA ILE B 148 28.06 21.75 10.13
C ILE B 148 27.19 22.93 9.65
N HIS B 149 26.04 23.13 10.27
CA HIS B 149 25.06 24.17 9.87
C HIS B 149 25.67 25.55 10.07
N ASN B 150 26.55 25.69 11.07
CA ASN B 150 27.25 26.97 11.38
C ASN B 150 28.18 27.31 10.22
N GLN B 151 28.73 26.31 9.51
CA GLN B 151 29.81 26.51 8.51
C GLN B 151 29.24 26.47 7.08
N PHE B 152 28.23 25.64 6.83
CA PHE B 152 27.66 25.37 5.49
C PHE B 152 26.14 25.23 5.65
N SER B 153 25.46 26.38 5.78
CA SER B 153 24.01 26.46 6.13
C SER B 153 23.12 25.81 5.06
N ASN B 154 23.63 25.59 3.84
CA ASN B 154 22.80 25.11 2.70
C ASN B 154 22.80 23.56 2.64
N ILE B 155 23.65 22.87 3.41
CA ILE B 155 23.64 21.37 3.38
C ILE B 155 22.38 20.88 4.11
N PRO B 156 21.51 20.08 3.46
CA PRO B 156 20.36 19.48 4.14
C PRO B 156 20.86 18.52 5.24
N LEU B 157 20.28 18.63 6.43
CA LEU B 157 20.73 17.86 7.62
C LEU B 157 19.59 16.97 8.13
N ALA B 158 19.90 15.71 8.41
CA ALA B 158 18.97 14.69 8.94
C ALA B 158 19.40 14.32 10.36
N TYR B 159 18.46 14.42 11.30
CA TYR B 159 18.70 14.10 12.73
C TYR B 159 18.31 12.65 12.97
N LEU B 160 19.30 11.79 13.17
CA LEU B 160 19.08 10.36 13.47
C LEU B 160 18.60 10.23 14.92
N THR B 161 17.59 9.41 15.17
CA THR B 161 17.02 9.26 16.52
C THR B 161 16.47 7.84 16.70
N SER B 162 16.62 7.30 17.91
CA SER B 162 16.08 5.98 18.32
C SER B 162 14.71 6.16 18.98
N THR B 163 14.28 7.41 19.17
CA THR B 163 12.95 7.79 19.71
C THR B 163 12.33 8.82 18.75
N PHE B 164 11.02 9.04 18.81
CA PHE B 164 10.31 9.96 17.88
C PHE B 164 9.25 10.73 18.65
N SER B 165 9.58 11.95 19.07
CA SER B 165 8.69 12.83 19.87
C SER B 165 8.83 14.28 19.42
N GLU B 166 7.97 15.14 19.95
CA GLU B 166 7.94 16.59 19.60
C GLU B 166 9.28 17.24 19.97
N SER B 167 9.93 16.79 21.05
CA SER B 167 11.24 17.32 21.52
CA SER B 167 11.24 17.33 21.53
C SER B 167 12.26 17.28 20.38
N GLU B 168 12.40 16.12 19.74
CA GLU B 168 13.35 15.94 18.61
CA GLU B 168 13.34 15.91 18.60
C GLU B 168 12.89 16.79 17.42
N MET B 169 11.58 16.83 17.14
CA MET B 169 11.02 17.62 16.02
C MET B 169 11.30 19.12 16.25
N ASP B 170 11.12 19.60 17.47
CA ASP B 170 11.34 21.03 17.82
C ASP B 170 12.84 21.35 17.75
N ASP B 171 13.70 20.38 18.04
CA ASP B 171 15.16 20.54 17.85
C ASP B 171 15.47 20.68 16.36
N CYS B 172 14.82 19.89 15.49
CA CYS B 172 14.99 20.05 14.02
C CYS B 172 14.63 21.48 13.62
N LEU B 173 13.50 22.00 14.14
CA LEU B 173 13.04 23.37 13.84
C LEU B 173 14.04 24.40 14.38
N SER B 174 14.48 24.26 15.63
CA SER B 174 15.35 25.25 16.31
C SER B 174 16.70 25.34 15.60
N TYR B 175 17.24 24.21 15.14
CA TYR B 175 18.66 24.14 14.68
C TYR B 175 18.74 24.01 13.15
N GLY B 176 17.61 24.01 12.43
CA GLY B 176 17.58 24.06 10.95
C GLY B 176 17.88 22.71 10.30
N PHE B 177 17.36 21.62 10.87
CA PHE B 177 17.44 20.26 10.28
C PHE B 177 16.23 20.03 9.37
N TYR B 178 16.52 19.55 8.15
CA TYR B 178 15.59 19.29 7.02
C TYR B 178 14.69 18.09 7.34
N ALA B 179 15.29 17.06 7.94
CA ALA B 179 14.64 15.75 8.15
C ALA B 179 14.91 15.22 9.55
N ILE B 180 13.94 14.47 10.07
CA ILE B 180 14.12 13.57 11.23
C ILE B 180 14.22 12.15 10.68
N ALA B 181 15.15 11.34 11.19
CA ALA B 181 15.44 10.00 10.67
C ALA B 181 15.29 9.02 11.82
N PRO B 182 14.04 8.60 12.13
CA PRO B 182 13.80 7.74 13.28
C PRO B 182 13.84 6.23 12.98
N LYS B 183 14.26 5.47 13.99
CA LYS B 183 14.16 4.00 14.01
C LYS B 183 12.73 3.65 13.60
N TYR B 184 12.56 2.77 12.62
CA TYR B 184 11.26 2.58 11.92
C TYR B 184 10.22 2.04 12.91
N THR B 185 10.65 1.34 13.97
CA THR B 185 9.75 0.75 15.00
C THR B 185 9.11 1.82 15.89
N THR B 186 9.55 3.08 15.82
CA THR B 186 8.99 4.20 16.63
C THR B 186 7.94 4.97 15.83
N ILE B 187 7.78 4.68 14.55
CA ILE B 187 7.00 5.52 13.62
C ILE B 187 5.53 5.14 13.71
N THR B 188 4.67 6.15 13.80
CA THR B 188 3.18 6.04 13.70
C THR B 188 2.70 7.07 12.69
N LYS B 189 1.54 6.85 12.08
CA LYS B 189 0.92 7.87 11.22
C LYS B 189 0.77 9.20 11.99
N GLU B 190 0.36 9.16 13.26
CA GLU B 190 0.13 10.38 14.08
C GLU B 190 1.42 11.20 14.17
N LEU B 191 2.56 10.53 14.37
CA LEU B 191 3.87 11.23 14.52
C LEU B 191 4.36 11.76 13.16
N VAL B 192 4.17 11.01 12.08
CA VAL B 192 4.54 11.48 10.71
C VAL B 192 3.69 12.70 10.36
N ASP B 193 2.38 12.64 10.61
CA ASP B 193 1.47 13.77 10.27
C ASP B 193 1.86 15.01 11.08
N LEU B 194 2.25 14.83 12.34
CA LEU B 194 2.74 15.94 13.20
C LEU B 194 4.05 16.49 12.63
N ALA B 195 5.03 15.65 12.32
CA ALA B 195 6.29 16.10 11.67
C ALA B 195 5.98 16.91 10.40
N HIS B 196 5.10 16.41 9.54
CA HIS B 196 4.72 17.10 8.27
C HIS B 196 4.05 18.44 8.57
N SER B 197 3.22 18.53 9.63
CA SER B 197 2.59 19.82 10.03
C SER B 197 3.67 20.85 10.37
N LYS B 198 4.86 20.41 10.79
CA LYS B 198 6.00 21.29 11.18
C LYS B 198 6.96 21.49 10.00
N GLY B 199 6.68 20.87 8.85
CA GLY B 199 7.45 21.04 7.60
C GLY B 199 8.69 20.16 7.56
N LEU B 200 8.75 19.12 8.39
CA LEU B 200 9.90 18.18 8.43
C LEU B 200 9.65 17.00 7.49
N LYS B 201 10.72 16.47 6.91
CA LYS B 201 10.70 15.15 6.23
C LYS B 201 11.03 14.06 7.25
N VAL B 202 10.49 12.86 7.02
CA VAL B 202 10.73 11.67 7.87
C VAL B 202 11.38 10.57 7.02
N HIS B 203 12.59 10.15 7.37
CA HIS B 203 13.35 9.08 6.68
C HIS B 203 13.58 7.92 7.64
N ALA B 204 12.87 6.80 7.46
CA ALA B 204 12.88 5.65 8.40
C ALA B 204 14.09 4.76 8.12
N TRP B 205 14.67 4.16 9.16
CA TRP B 205 15.76 3.16 9.03
C TRP B 205 15.53 2.00 9.99
N THR B 206 16.06 0.81 9.70
CA THR B 206 16.46 0.30 8.40
C THR B 206 15.39 -0.72 8.00
N VAL B 207 14.76 -0.51 6.83
CA VAL B 207 13.47 -1.13 6.44
C VAL B 207 13.77 -2.19 5.38
N ASN B 208 13.59 -3.47 5.72
CA ASN B 208 14.18 -4.58 4.93
C ASN B 208 13.12 -5.53 4.37
N THR B 209 11.84 -5.41 4.74
CA THR B 209 10.77 -6.29 4.22
C THR B 209 9.77 -5.44 3.44
N LYS B 210 9.16 -6.01 2.41
CA LYS B 210 8.15 -5.32 1.55
C LYS B 210 6.93 -4.98 2.41
N GLU B 211 6.62 -5.81 3.43
CA GLU B 211 5.49 -5.57 4.37
C GLU B 211 5.79 -4.32 5.21
N GLU B 212 7.01 -4.17 5.71
CA GLU B 212 7.42 -2.99 6.52
C GLU B 212 7.37 -1.74 5.63
N MET B 213 7.84 -1.84 4.40
CA MET B 213 7.85 -0.71 3.44
C MET B 213 6.41 -0.26 3.21
N GLN B 214 5.50 -1.19 2.95
CA GLN B 214 4.06 -0.90 2.72
C GLN B 214 3.48 -0.16 3.92
N SER B 215 3.72 -0.66 5.14
CA SER B 215 3.19 -0.07 6.40
C SER B 215 3.67 1.38 6.51
N LEU B 216 4.96 1.62 6.26
CA LEU B 216 5.56 2.95 6.47
C LEU B 216 5.10 3.93 5.40
N ILE B 217 4.90 3.46 4.17
CA ILE B 217 4.40 4.31 3.06
C ILE B 217 2.96 4.73 3.40
N GLN B 218 2.14 3.81 3.93
CA GLN B 218 0.76 4.10 4.42
C GLN B 218 0.80 5.19 5.50
N MET B 219 1.84 5.18 6.35
CA MET B 219 2.00 6.16 7.46
C MET B 219 2.47 7.51 6.91
N GLY B 220 2.97 7.54 5.67
CA GLY B 220 3.34 8.77 4.95
C GLY B 220 4.82 9.13 5.04
N VAL B 221 5.71 8.17 5.32
CA VAL B 221 7.17 8.52 5.40
C VAL B 221 7.65 9.01 4.03
N ASP B 222 8.66 9.88 4.04
CA ASP B 222 9.17 10.59 2.84
C ASP B 222 10.32 9.80 2.22
N GLY B 223 10.81 8.78 2.92
CA GLY B 223 11.95 8.01 2.42
C GLY B 223 12.31 6.92 3.40
N PHE B 224 13.11 5.96 2.97
CA PHE B 224 13.73 5.01 3.94
C PHE B 224 15.06 4.50 3.43
N PHE B 225 15.84 4.11 4.41
CA PHE B 225 17.14 3.40 4.29
C PHE B 225 16.81 1.90 4.26
N THR B 226 17.28 1.20 3.25
CA THR B 226 16.99 -0.24 3.09
C THR B 226 18.25 -0.99 2.68
N ASN B 227 18.34 -2.24 3.11
CA ASN B 227 19.38 -3.19 2.64
C ASN B 227 18.86 -3.95 1.41
N TYR B 228 17.55 -3.91 1.13
CA TYR B 228 16.89 -4.77 0.10
C TYR B 228 16.12 -3.91 -0.93
N LEU B 229 16.83 -3.16 -1.77
CA LEU B 229 16.22 -2.21 -2.75
C LEU B 229 15.23 -2.94 -3.66
N ASP B 230 15.47 -4.21 -4.00
CA ASP B 230 14.56 -4.94 -4.94
C ASP B 230 13.16 -5.07 -4.33
N GLU B 231 13.02 -5.04 -3.00
CA GLU B 231 11.71 -5.25 -2.32
C GLU B 231 10.79 -4.05 -2.57
N TYR B 232 11.34 -2.88 -2.88
CA TYR B 232 10.57 -1.62 -3.07
C TYR B 232 9.69 -1.77 -4.33
N LYS B 233 10.19 -2.50 -5.34
CA LYS B 233 9.52 -2.69 -6.64
C LYS B 233 8.38 -3.70 -6.52
N LYS B 234 8.34 -4.50 -5.46
CA LYS B 234 7.29 -5.52 -5.23
C LYS B 234 6.06 -4.90 -4.58
N ILE B 235 6.10 -3.60 -4.25
CA ILE B 235 4.98 -2.88 -3.56
C ILE B 235 4.10 -2.20 -4.62
#